data_6U3D
#
_entry.id   6U3D
#
_cell.length_a   59.400
_cell.length_b   43.369
_cell.length_c   66.962
_cell.angle_alpha   90.000
_cell.angle_beta   111.930
_cell.angle_gamma   90.000
#
_symmetry.space_group_name_H-M   'P 1 21 1'
#
loop_
_entity.id
_entity.type
_entity.pdbx_description
1 polymer Calmodulin-1
2 polymer 'Voltage-dependent L-type calcium channel subunit alpha-1C'
3 non-polymer 'CALCIUM ION'
4 water water
#
loop_
_entity_poly.entity_id
_entity_poly.type
_entity_poly.pdbx_seq_one_letter_code
_entity_poly.pdbx_strand_id
1 'polypeptide(L)'
;ADQLTEEQIAEFKEAFSLFDKDGDGTITTKELGTVMRSLGQNPTEAELQDMIIEVDADGNGTIDFPEFLTMMARKMKDTD
SEEEIREAFRVFDKDGNGYISAAELRHVMTNLGEKLTDEEVDEMIREADIDGDGQVNYEEFVQMMTAK
;
A,B
2 'polypeptide(L)' SNADEVTVGKFYATFLIQEYFRKFKKRKEQGLVGKPS C,D
#
loop_
_chem_comp.id
_chem_comp.type
_chem_comp.name
_chem_comp.formula
CA non-polymer 'CALCIUM ION' 'Ca 2'
#
# COMPACT_ATOMS: atom_id res chain seq x y z
N ASP A 2 26.56 -7.71 -3.00
CA ASP A 2 26.89 -6.43 -3.60
C ASP A 2 27.08 -6.56 -5.12
N GLN A 3 27.61 -7.72 -5.54
CA GLN A 3 28.00 -7.91 -6.92
C GLN A 3 26.77 -8.11 -7.80
N LEU A 4 26.63 -7.24 -8.81
CA LEU A 4 25.56 -7.31 -9.79
C LEU A 4 26.11 -7.88 -11.09
N THR A 5 25.39 -8.83 -11.68
CA THR A 5 25.83 -9.38 -12.96
C THR A 5 25.23 -8.58 -14.12
N GLU A 6 25.81 -8.77 -15.30
CA GLU A 6 25.21 -8.21 -16.50
C GLU A 6 23.79 -8.70 -16.69
N GLU A 7 23.53 -9.98 -16.37
CA GLU A 7 22.18 -10.52 -16.54
C GLU A 7 21.20 -9.88 -15.55
N GLN A 8 21.63 -9.64 -14.31
CA GLN A 8 20.73 -8.99 -13.37
C GLN A 8 20.40 -7.58 -13.82
N ILE A 9 21.39 -6.87 -14.36
CA ILE A 9 21.15 -5.51 -14.85
C ILE A 9 20.17 -5.54 -16.01
N ALA A 10 20.30 -6.53 -16.89
CA ALA A 10 19.37 -6.66 -18.02
C ALA A 10 17.95 -6.95 -17.53
N GLU A 11 17.81 -7.79 -16.49
CA GLU A 11 16.49 -8.05 -15.93
C GLU A 11 15.88 -6.79 -15.35
N PHE A 12 16.67 -6.00 -14.62
CA PHE A 12 16.14 -4.76 -14.06
C PHE A 12 15.83 -3.75 -15.16
N LYS A 13 16.64 -3.71 -16.22
CA LYS A 13 16.34 -2.85 -17.36
C LYS A 13 15.00 -3.22 -18.01
N GLU A 14 14.71 -4.52 -18.10
CA GLU A 14 13.45 -4.96 -18.71
C GLU A 14 12.27 -4.58 -17.83
N ALA A 15 12.44 -4.61 -16.50
CA ALA A 15 11.40 -4.14 -15.60
C ALA A 15 11.17 -2.63 -15.76
N PHE A 16 12.27 -1.86 -15.87
CA PHE A 16 12.18 -0.42 -16.09
C PHE A 16 11.42 -0.10 -17.38
N SER A 17 11.73 -0.84 -18.45
CA SER A 17 11.13 -0.61 -19.76
C SER A 17 9.61 -0.81 -19.76
N LEU A 18 9.08 -1.62 -18.84
CA LEU A 18 7.62 -1.75 -18.74
C LEU A 18 6.97 -0.44 -18.36
N PHE A 19 7.60 0.31 -17.46
CA PHE A 19 7.00 1.54 -16.97
C PHE A 19 7.35 2.74 -17.83
N ASP A 20 8.46 2.68 -18.57
CA ASP A 20 8.85 3.79 -19.42
C ASP A 20 8.19 3.57 -20.79
N LYS A 21 6.90 3.90 -20.84
CA LYS A 21 6.04 3.50 -21.96
C LYS A 21 6.57 4.03 -23.29
N ASP A 22 7.10 5.25 -23.32
CA ASP A 22 7.58 5.85 -24.56
C ASP A 22 9.07 5.64 -24.81
N GLY A 23 9.76 4.91 -23.92
CA GLY A 23 11.15 4.57 -24.17
C GLY A 23 12.11 5.74 -24.16
N ASP A 24 11.75 6.85 -23.49
CA ASP A 24 12.60 8.04 -23.53
C ASP A 24 13.58 8.10 -22.37
N GLY A 25 13.61 7.11 -21.50
CA GLY A 25 14.64 7.03 -20.49
C GLY A 25 14.21 7.41 -19.09
N THR A 26 13.01 7.97 -18.93
CA THR A 26 12.53 8.35 -17.61
C THR A 26 11.09 7.88 -17.43
N ILE A 27 10.75 7.50 -16.21
CA ILE A 27 9.38 7.16 -15.84
C ILE A 27 8.73 8.40 -15.24
N THR A 28 7.62 8.82 -15.81
CA THR A 28 6.82 9.95 -15.32
C THR A 28 5.65 9.44 -14.47
N THR A 29 5.09 10.37 -13.68
N THR A 29 5.08 10.37 -13.68
CA THR A 29 3.89 10.05 -12.90
CA THR A 29 3.89 10.04 -12.90
C THR A 29 2.77 9.56 -13.81
C THR A 29 2.76 9.54 -13.82
N LYS A 30 2.61 10.17 -14.99
CA LYS A 30 1.54 9.77 -15.89
C LYS A 30 1.76 8.35 -16.41
N GLU A 31 2.99 8.02 -16.81
CA GLU A 31 3.26 6.66 -17.28
C GLU A 31 3.01 5.64 -16.20
N LEU A 32 3.42 5.96 -14.97
CA LEU A 32 3.23 5.02 -13.87
C LEU A 32 1.75 4.74 -13.66
N GLY A 33 0.92 5.77 -13.69
CA GLY A 33 -0.51 5.55 -13.55
C GLY A 33 -1.08 4.70 -14.67
N THR A 34 -0.65 4.95 -15.91
CA THR A 34 -1.19 4.18 -17.02
C THR A 34 -0.85 2.71 -16.89
N VAL A 35 0.40 2.41 -16.49
CA VAL A 35 0.83 1.02 -16.37
C VAL A 35 0.12 0.34 -15.21
N MET A 36 0.00 1.01 -14.07
N MET A 36 0.04 1.00 -14.06
CA MET A 36 -0.67 0.38 -12.93
CA MET A 36 -0.67 0.43 -12.92
C MET A 36 -2.14 0.11 -13.21
C MET A 36 -2.10 0.07 -13.29
N ARG A 37 -2.82 0.97 -13.97
CA ARG A 37 -4.19 0.67 -14.36
C ARG A 37 -4.24 -0.49 -15.34
N SER A 38 -3.25 -0.61 -16.24
CA SER A 38 -3.23 -1.76 -17.14
C SER A 38 -3.03 -3.07 -16.38
N LEU A 39 -2.50 -3.01 -15.17
CA LEU A 39 -2.35 -4.19 -14.33
C LEU A 39 -3.50 -4.34 -13.33
N GLY A 40 -4.63 -3.69 -13.60
CA GLY A 40 -5.83 -3.87 -12.83
C GLY A 40 -5.91 -3.10 -11.53
N GLN A 41 -4.97 -2.18 -11.29
CA GLN A 41 -4.98 -1.41 -10.06
C GLN A 41 -5.42 0.02 -10.35
N ASN A 42 -5.82 0.72 -9.30
N ASN A 42 -5.85 0.72 -9.31
CA ASN A 42 -6.36 2.08 -9.42
CA ASN A 42 -6.36 2.10 -9.46
C ASN A 42 -5.79 2.96 -8.33
C ASN A 42 -5.79 2.97 -8.35
N PRO A 43 -4.50 3.31 -8.43
CA PRO A 43 -3.91 4.20 -7.43
C PRO A 43 -4.43 5.62 -7.59
N THR A 44 -4.44 6.35 -6.48
CA THR A 44 -4.73 7.77 -6.49
C THR A 44 -3.55 8.56 -7.04
N GLU A 45 -3.83 9.79 -7.48
CA GLU A 45 -2.75 10.66 -7.95
C GLU A 45 -1.72 10.92 -6.84
N ALA A 46 -2.18 11.04 -5.59
CA ALA A 46 -1.24 11.25 -4.48
C ALA A 46 -0.36 10.02 -4.26
N GLU A 47 -0.92 8.82 -4.40
CA GLU A 47 -0.11 7.61 -4.28
C GLU A 47 0.93 7.55 -5.40
N LEU A 48 0.54 7.94 -6.62
CA LEU A 48 1.51 7.92 -7.72
C LEU A 48 2.65 8.88 -7.47
N GLN A 49 2.34 10.11 -7.05
CA GLN A 49 3.40 11.08 -6.73
C GLN A 49 4.28 10.56 -5.61
N ASP A 50 3.69 9.88 -4.61
CA ASP A 50 4.47 9.28 -3.53
C ASP A 50 5.46 8.24 -4.06
N MET A 51 5.04 7.43 -5.03
CA MET A 51 5.93 6.39 -5.53
C MET A 51 7.11 6.98 -6.29
N ILE A 52 6.85 8.01 -7.10
CA ILE A 52 7.93 8.68 -7.80
C ILE A 52 8.92 9.28 -6.80
N ILE A 53 8.40 10.02 -5.82
CA ILE A 53 9.28 10.71 -4.87
C ILE A 53 10.16 9.73 -4.11
N GLU A 54 9.65 8.51 -3.87
CA GLU A 54 10.41 7.54 -3.08
C GLU A 54 11.60 6.97 -3.84
N VAL A 55 11.54 6.97 -5.18
CA VAL A 55 12.59 6.39 -6.02
C VAL A 55 13.45 7.47 -6.66
N ASP A 56 12.87 8.64 -6.90
CA ASP A 56 13.54 9.76 -7.56
C ASP A 56 14.60 10.34 -6.61
N ALA A 57 15.86 9.95 -6.82
CA ALA A 57 16.93 10.33 -5.89
C ALA A 57 17.37 11.77 -6.07
N ASP A 58 17.40 12.27 -7.30
CA ASP A 58 17.62 13.69 -7.48
C ASP A 58 16.25 14.38 -7.44
N GLY A 59 16.19 15.65 -7.72
CA GLY A 59 14.93 16.32 -7.46
C GLY A 59 14.07 16.56 -8.67
N ASN A 60 14.35 15.89 -9.79
CA ASN A 60 13.78 16.37 -11.04
C ASN A 60 12.39 15.82 -11.33
N GLY A 61 11.84 14.98 -10.44
CA GLY A 61 10.46 14.55 -10.55
C GLY A 61 10.19 13.38 -11.46
N THR A 62 11.22 12.74 -12.03
CA THR A 62 11.05 11.53 -12.80
C THR A 62 12.08 10.51 -12.33
N ILE A 63 11.89 9.25 -12.73
CA ILE A 63 12.79 8.15 -12.37
C ILE A 63 13.60 7.78 -13.62
N ASP A 64 14.93 7.89 -13.54
CA ASP A 64 15.78 7.34 -14.58
C ASP A 64 16.27 5.95 -14.19
N PHE A 65 16.93 5.28 -15.12
CA PHE A 65 17.30 3.90 -14.83
C PHE A 65 18.29 3.78 -13.66
N PRO A 66 19.34 4.61 -13.53
CA PRO A 66 20.21 4.47 -12.36
C PRO A 66 19.46 4.56 -11.04
N GLU A 67 18.48 5.46 -10.94
CA GLU A 67 17.64 5.54 -9.74
C GLU A 67 16.81 4.26 -9.55
N PHE A 68 16.22 3.77 -10.63
CA PHE A 68 15.48 2.52 -10.57
C PHE A 68 16.38 1.37 -10.16
N LEU A 69 17.57 1.28 -10.74
CA LEU A 69 18.47 0.17 -10.41
C LEU A 69 18.90 0.22 -8.93
N THR A 70 19.23 1.41 -8.43
CA THR A 70 19.59 1.54 -7.02
C THR A 70 18.50 0.99 -6.12
N MET A 71 17.23 1.30 -6.41
CA MET A 71 16.14 0.82 -5.58
C MET A 71 15.97 -0.70 -5.71
N MET A 72 16.10 -1.23 -6.93
CA MET A 72 15.84 -2.64 -7.15
C MET A 72 16.98 -3.51 -6.64
N ALA A 73 18.23 -3.03 -6.78
CA ALA A 73 19.35 -3.80 -6.27
C ALA A 73 19.31 -3.90 -4.76
N ARG A 74 18.85 -2.82 -4.09
CA ARG A 74 18.71 -2.85 -2.65
C ARG A 74 17.55 -3.76 -2.24
N LYS A 75 16.45 -3.71 -2.98
CA LYS A 75 15.31 -4.57 -2.68
C LYS A 75 15.68 -6.04 -2.81
N MET A 76 16.61 -6.36 -3.71
CA MET A 76 17.13 -7.72 -3.83
C MET A 76 17.74 -8.24 -2.53
N LYS A 77 18.14 -7.33 -1.63
CA LYS A 77 18.73 -7.71 -0.35
C LYS A 77 17.73 -7.67 0.81
N ASP A 78 16.48 -7.31 0.55
CA ASP A 78 15.43 -7.36 1.55
C ASP A 78 15.05 -8.81 1.84
N THR A 79 14.59 -9.07 3.06
CA THR A 79 14.24 -10.42 3.46
C THR A 79 12.74 -10.71 3.41
N ASP A 80 11.91 -9.72 3.11
CA ASP A 80 10.45 -9.88 3.14
C ASP A 80 9.93 -10.47 1.83
N SER A 81 10.35 -11.70 1.56
CA SER A 81 9.91 -12.36 0.33
C SER A 81 8.39 -12.59 0.29
N GLU A 82 7.77 -12.86 1.44
CA GLU A 82 6.33 -13.15 1.44
C GLU A 82 5.51 -11.95 0.95
N GLU A 83 5.91 -10.74 1.34
CA GLU A 83 5.18 -9.54 0.92
C GLU A 83 5.32 -9.30 -0.58
N GLU A 84 6.52 -9.50 -1.13
CA GLU A 84 6.72 -9.27 -2.56
C GLU A 84 5.90 -10.26 -3.40
N ILE A 85 5.85 -11.53 -2.97
CA ILE A 85 5.09 -12.52 -3.72
C ILE A 85 3.60 -12.23 -3.65
N ARG A 86 3.12 -11.69 -2.53
CA ARG A 86 1.70 -11.33 -2.45
C ARG A 86 1.38 -10.18 -3.39
N GLU A 87 2.27 -9.19 -3.48
CA GLU A 87 2.08 -8.12 -4.46
C GLU A 87 2.02 -8.66 -5.88
N ALA A 88 2.89 -9.63 -6.22
CA ALA A 88 2.82 -10.25 -7.54
C ALA A 88 1.50 -11.00 -7.72
N PHE A 89 1.02 -11.65 -6.68
CA PHE A 89 -0.26 -12.34 -6.79
C PHE A 89 -1.37 -11.36 -7.13
N ARG A 90 -1.37 -10.21 -6.47
CA ARG A 90 -2.41 -9.21 -6.69
C ARG A 90 -2.37 -8.65 -8.11
N VAL A 91 -1.18 -8.57 -8.71
CA VAL A 91 -1.10 -8.16 -10.12
C VAL A 91 -1.93 -9.10 -10.99
N PHE A 92 -1.76 -10.41 -10.80
CA PHE A 92 -2.53 -11.37 -11.58
C PHE A 92 -4.02 -11.34 -11.20
N ASP A 93 -4.31 -11.35 -9.90
CA ASP A 93 -5.68 -11.58 -9.42
C ASP A 93 -6.46 -10.27 -9.39
N LYS A 94 -6.70 -9.73 -10.60
CA LYS A 94 -7.21 -8.37 -10.71
C LYS A 94 -8.66 -8.26 -10.24
N ASP A 95 -9.42 -9.37 -10.24
CA ASP A 95 -10.78 -9.32 -9.73
C ASP A 95 -10.85 -9.61 -8.24
N GLY A 96 -9.71 -9.95 -7.62
CA GLY A 96 -9.64 -10.15 -6.19
C GLY A 96 -10.43 -11.33 -5.67
N ASN A 97 -10.71 -12.33 -6.50
CA ASN A 97 -11.45 -13.48 -6.00
C ASN A 97 -10.53 -14.56 -5.44
N GLY A 98 -9.22 -14.33 -5.39
CA GLY A 98 -8.31 -15.26 -4.77
C GLY A 98 -7.83 -16.38 -5.66
N TYR A 99 -8.15 -16.33 -6.95
CA TYR A 99 -7.75 -17.39 -7.88
C TYR A 99 -7.26 -16.75 -9.17
N ILE A 100 -6.16 -17.28 -9.71
CA ILE A 100 -5.63 -16.80 -10.97
C ILE A 100 -6.10 -17.75 -12.06
N SER A 101 -6.76 -17.20 -13.06
CA SER A 101 -7.27 -17.95 -14.20
C SER A 101 -6.29 -17.87 -15.36
N ALA A 102 -6.45 -18.77 -16.32
CA ALA A 102 -5.69 -18.65 -17.57
C ALA A 102 -5.84 -17.26 -18.18
N ALA A 103 -7.06 -16.71 -18.16
CA ALA A 103 -7.28 -15.40 -18.77
C ALA A 103 -6.51 -14.31 -18.05
N GLU A 104 -6.47 -14.35 -16.71
CA GLU A 104 -5.72 -13.37 -15.94
C GLU A 104 -4.22 -13.49 -16.19
N LEU A 105 -3.73 -14.71 -16.34
N LEU A 105 -3.72 -14.71 -16.32
CA LEU A 105 -2.31 -14.90 -16.63
CA LEU A 105 -2.30 -14.89 -16.62
C LEU A 105 -1.96 -14.40 -18.01
C LEU A 105 -1.98 -14.35 -18.01
N ARG A 106 -2.82 -14.67 -19.00
CA ARG A 106 -2.60 -14.19 -20.35
C ARG A 106 -2.55 -12.66 -20.39
N HIS A 107 -3.44 -12.02 -19.64
CA HIS A 107 -3.54 -10.57 -19.62
C HIS A 107 -2.25 -9.92 -19.09
N VAL A 108 -1.75 -10.44 -17.97
CA VAL A 108 -0.48 -9.95 -17.43
C VAL A 108 0.65 -10.22 -18.41
N MET A 109 0.71 -11.44 -18.95
CA MET A 109 1.72 -11.79 -19.95
C MET A 109 1.77 -10.76 -21.07
N THR A 110 0.61 -10.41 -21.66
CA THR A 110 0.63 -9.51 -22.79
C THR A 110 1.11 -8.12 -22.39
N ASN A 111 0.88 -7.72 -21.14
CA ASN A 111 1.34 -6.40 -20.70
C ASN A 111 2.83 -6.38 -20.37
N LEU A 112 3.41 -7.49 -19.92
CA LEU A 112 4.77 -7.44 -19.37
C LEU A 112 5.85 -7.67 -20.42
N GLY A 113 5.52 -8.04 -21.64
CA GLY A 113 6.55 -8.08 -22.67
C GLY A 113 6.81 -9.46 -23.26
N GLU A 114 7.39 -10.38 -22.48
CA GLU A 114 7.80 -11.65 -23.07
C GLU A 114 6.59 -12.51 -23.39
N LYS A 115 6.50 -12.96 -24.64
CA LYS A 115 5.32 -13.61 -25.15
C LYS A 115 5.30 -15.08 -24.75
N LEU A 116 4.12 -15.53 -24.32
CA LEU A 116 3.83 -16.94 -24.11
C LEU A 116 2.72 -17.34 -25.06
N THR A 117 2.83 -18.52 -25.66
CA THR A 117 1.71 -19.01 -26.46
C THR A 117 0.57 -19.45 -25.53
N ASP A 118 -0.61 -19.66 -26.12
CA ASP A 118 -1.75 -20.10 -25.31
C ASP A 118 -1.52 -21.48 -24.73
N GLU A 119 -0.82 -22.33 -25.47
CA GLU A 119 -0.44 -23.62 -24.91
C GLU A 119 0.48 -23.45 -23.71
N GLU A 120 1.37 -22.47 -23.74
CA GLU A 120 2.28 -22.25 -22.63
C GLU A 120 1.55 -21.69 -21.43
N VAL A 121 0.55 -20.84 -21.66
CA VAL A 121 -0.29 -20.33 -20.59
C VAL A 121 -1.01 -21.48 -19.88
N ASP A 122 -1.66 -22.35 -20.65
CA ASP A 122 -2.30 -23.54 -20.09
C ASP A 122 -1.31 -24.38 -19.28
N GLU A 123 -0.10 -24.57 -19.81
CA GLU A 123 0.90 -25.39 -19.13
C GLU A 123 1.35 -24.75 -17.83
N MET A 124 1.56 -23.43 -17.84
CA MET A 124 1.97 -22.74 -16.62
C MET A 124 0.90 -22.86 -15.54
N ILE A 125 -0.37 -22.69 -15.90
CA ILE A 125 -1.46 -22.91 -14.93
C ILE A 125 -1.45 -24.35 -14.44
N ARG A 126 -1.42 -25.32 -15.37
CA ARG A 126 -1.51 -26.73 -14.98
C ARG A 126 -0.39 -27.12 -14.02
N GLU A 127 0.83 -26.65 -14.28
CA GLU A 127 1.96 -27.09 -13.47
C GLU A 127 1.93 -26.47 -12.08
N ALA A 128 1.22 -25.37 -11.88
CA ALA A 128 1.05 -24.79 -10.56
C ALA A 128 -0.23 -25.24 -9.87
N ASP A 129 -1.17 -25.83 -10.62
CA ASP A 129 -2.51 -26.17 -10.11
C ASP A 129 -2.49 -27.51 -9.38
N ILE A 130 -2.04 -27.48 -8.12
CA ILE A 130 -1.83 -28.72 -7.36
C ILE A 130 -3.13 -29.49 -7.17
N ASP A 131 -4.21 -28.79 -6.80
CA ASP A 131 -5.45 -29.46 -6.42
C ASP A 131 -6.36 -29.72 -7.62
N GLY A 132 -6.00 -29.22 -8.80
CA GLY A 132 -6.66 -29.66 -10.01
C GLY A 132 -7.98 -28.98 -10.35
N ASP A 133 -8.26 -27.81 -9.79
CA ASP A 133 -9.48 -27.08 -10.16
C ASP A 133 -9.29 -26.17 -11.36
N GLY A 134 -8.14 -26.19 -12.01
CA GLY A 134 -7.92 -25.38 -13.19
C GLY A 134 -7.54 -23.93 -12.94
N GLN A 135 -7.34 -23.55 -11.68
CA GLN A 135 -6.94 -22.20 -11.34
C GLN A 135 -5.81 -22.29 -10.31
N VAL A 136 -5.13 -21.17 -10.11
CA VAL A 136 -4.02 -21.09 -9.16
C VAL A 136 -4.44 -20.19 -7.99
N ASN A 137 -4.62 -20.80 -6.81
CA ASN A 137 -4.94 -20.01 -5.63
C ASN A 137 -3.66 -19.44 -5.01
N TYR A 138 -3.79 -18.71 -3.90
CA TYR A 138 -2.62 -18.05 -3.34
C TYR A 138 -1.59 -19.06 -2.85
N GLU A 139 -2.01 -20.10 -2.12
CA GLU A 139 -1.00 -21.01 -1.60
C GLU A 139 -0.31 -21.77 -2.74
N GLU A 140 -1.03 -22.09 -3.82
CA GLU A 140 -0.37 -22.65 -5.00
C GLU A 140 0.61 -21.66 -5.62
N PHE A 141 0.22 -20.39 -5.67
CA PHE A 141 1.06 -19.37 -6.27
C PHE A 141 2.34 -19.20 -5.48
N VAL A 142 2.26 -19.23 -4.14
CA VAL A 142 3.48 -19.09 -3.35
C VAL A 142 4.44 -20.22 -3.67
N GLN A 143 3.92 -21.44 -3.80
CA GLN A 143 4.81 -22.56 -4.08
C GLN A 143 5.42 -22.44 -5.47
N MET A 144 4.62 -22.02 -6.44
CA MET A 144 5.11 -21.76 -7.79
C MET A 144 6.25 -20.75 -7.78
N MET A 145 6.09 -19.64 -7.05
CA MET A 145 7.04 -18.54 -7.11
C MET A 145 8.27 -18.75 -6.24
N THR A 146 8.28 -19.75 -5.36
CA THR A 146 9.44 -20.01 -4.51
C THR A 146 10.34 -21.11 -5.06
N ALA A 147 9.85 -21.89 -6.02
CA ALA A 147 10.59 -23.00 -6.61
C ALA A 147 11.92 -22.54 -7.22
N ASP B 4 7.33 2.77 2.01
CA ASP B 4 8.51 2.24 1.33
C ASP B 4 8.21 0.88 0.71
N GLU B 5 7.98 -0.13 1.55
CA GLU B 5 7.73 -1.48 1.04
C GLU B 5 6.49 -1.51 0.15
N VAL B 6 5.52 -0.64 0.41
CA VAL B 6 4.34 -0.57 -0.44
C VAL B 6 4.72 -0.08 -1.84
N THR B 7 5.44 1.05 -1.89
CA THR B 7 5.84 1.60 -3.18
C THR B 7 6.84 0.70 -3.87
N VAL B 8 7.92 0.34 -3.18
CA VAL B 8 8.96 -0.51 -3.77
C VAL B 8 8.38 -1.82 -4.24
N GLY B 9 7.42 -2.36 -3.49
CA GLY B 9 6.91 -3.69 -3.79
C GLY B 9 6.23 -3.79 -5.14
N LYS B 10 5.55 -2.72 -5.57
CA LYS B 10 4.90 -2.77 -6.88
C LYS B 10 5.92 -2.93 -8.00
N PHE B 11 7.03 -2.19 -7.93
CA PHE B 11 8.05 -2.30 -8.96
C PHE B 11 8.72 -3.66 -8.92
N TYR B 12 9.03 -4.15 -7.71
CA TYR B 12 9.70 -5.44 -7.60
C TYR B 12 8.79 -6.58 -8.02
N ALA B 13 7.49 -6.46 -7.80
CA ALA B 13 6.56 -7.52 -8.20
C ALA B 13 6.61 -7.77 -9.71
N THR B 14 6.70 -6.71 -10.51
CA THR B 14 6.73 -6.91 -11.96
C THR B 14 8.02 -7.58 -12.39
N PHE B 15 9.14 -7.24 -11.73
CA PHE B 15 10.38 -7.98 -11.93
C PHE B 15 10.21 -9.46 -11.59
N LEU B 16 9.56 -9.78 -10.46
CA LEU B 16 9.45 -11.19 -10.09
C LEU B 16 8.65 -11.95 -11.11
N ILE B 17 7.61 -11.31 -11.67
CA ILE B 17 6.77 -11.97 -12.66
C ILE B 17 7.54 -12.16 -13.96
N GLN B 18 8.19 -11.10 -14.43
CA GLN B 18 9.00 -11.19 -15.63
C GLN B 18 10.06 -12.28 -15.51
N GLU B 19 10.69 -12.38 -14.33
CA GLU B 19 11.67 -13.43 -14.11
C GLU B 19 11.04 -14.82 -14.18
N TYR B 20 9.84 -14.97 -13.62
CA TYR B 20 9.19 -16.28 -13.69
C TYR B 20 8.94 -16.69 -15.13
N PHE B 21 8.39 -15.77 -15.93
CA PHE B 21 8.11 -16.08 -17.33
C PHE B 21 9.41 -16.39 -18.07
N ARG B 22 10.44 -15.57 -17.85
CA ARG B 22 11.68 -15.75 -18.58
C ARG B 22 12.31 -17.11 -18.28
N LYS B 23 12.31 -17.50 -17.00
CA LYS B 23 12.93 -18.77 -16.63
C LYS B 23 12.12 -19.93 -17.20
N PHE B 24 10.79 -19.80 -17.21
CA PHE B 24 9.94 -20.83 -17.78
C PHE B 24 10.30 -21.06 -19.24
N LYS B 25 10.38 -19.98 -20.01
CA LYS B 25 10.60 -20.12 -21.45
C LYS B 25 12.00 -20.61 -21.72
N LYS B 26 12.99 -20.14 -20.97
CA LYS B 26 14.36 -20.60 -21.17
C LYS B 26 14.46 -22.09 -20.92
N ARG B 27 13.88 -22.56 -19.81
CA ARG B 27 13.94 -23.99 -19.47
C ARG B 27 13.24 -24.86 -20.51
N LYS B 28 12.05 -24.44 -20.96
CA LYS B 28 11.32 -25.20 -21.97
C LYS B 28 12.12 -25.36 -23.26
N GLU B 29 12.87 -24.33 -23.66
CA GLU B 29 13.54 -24.36 -24.95
C GLU B 29 15.00 -24.76 -24.85
N GLN B 30 15.45 -25.13 -23.66
CA GLN B 30 16.82 -25.62 -23.43
C GLN B 30 17.19 -26.69 -24.43
N GLY B 31 18.37 -26.54 -25.04
CA GLY B 31 18.78 -27.39 -26.14
C GLY B 31 19.37 -28.71 -25.73
N ASP C 2 16.58 9.21 11.41
CA ASP C 2 15.99 7.95 11.86
C ASP C 2 15.66 7.98 13.36
N GLN C 3 15.32 9.16 13.88
CA GLN C 3 14.98 9.29 15.28
C GLN C 3 13.57 8.78 15.55
N LEU C 4 13.45 7.87 16.50
CA LEU C 4 12.16 7.29 16.89
C LEU C 4 12.16 7.27 18.42
N THR C 5 11.50 8.26 19.03
CA THR C 5 11.57 8.41 20.48
C THR C 5 10.66 7.38 21.18
N GLU C 6 10.91 7.23 22.49
CA GLU C 6 10.03 6.40 23.32
C GLU C 6 8.60 6.91 23.29
N GLU C 7 8.41 8.23 23.29
CA GLU C 7 7.05 8.77 23.22
C GLU C 7 6.39 8.45 21.88
N GLN C 8 7.16 8.54 20.78
CA GLN C 8 6.61 8.16 19.48
C GLN C 8 6.22 6.70 19.46
N ILE C 9 7.06 5.84 20.03
CA ILE C 9 6.73 4.42 20.06
C ILE C 9 5.46 4.17 20.86
N ALA C 10 5.29 4.88 21.98
CA ALA C 10 4.06 4.76 22.74
C ALA C 10 2.84 5.20 21.93
N GLU C 11 2.96 6.28 21.15
CA GLU C 11 1.84 6.69 20.30
C GLU C 11 1.52 5.60 19.27
N PHE C 12 2.56 4.98 18.68
CA PHE C 12 2.31 3.89 17.73
C PHE C 12 1.67 2.70 18.43
N LYS C 13 1.98 2.48 19.71
CA LYS C 13 1.36 1.40 20.48
C LYS C 13 -0.11 1.69 20.73
N GLU C 14 -0.50 2.95 20.90
CA GLU C 14 -1.92 3.29 21.03
C GLU C 14 -2.68 2.99 19.74
N ALA C 15 -2.04 3.18 18.58
CA ALA C 15 -2.69 2.79 17.33
C ALA C 15 -2.80 1.28 17.22
N PHE C 16 -1.72 0.56 17.57
CA PHE C 16 -1.76 -0.90 17.59
C PHE C 16 -2.89 -1.42 18.47
N SER C 17 -3.06 -0.84 19.66
CA SER C 17 -4.02 -1.34 20.63
C SER C 17 -5.45 -1.17 20.15
N LEU C 18 -5.69 -0.17 19.30
CA LEU C 18 -7.00 -0.03 18.68
C LEU C 18 -7.34 -1.24 17.84
N PHE C 19 -6.39 -1.72 17.04
CA PHE C 19 -6.67 -2.86 16.17
C PHE C 19 -6.62 -4.19 16.91
N ASP C 20 -5.79 -4.31 17.94
CA ASP C 20 -5.69 -5.55 18.72
C ASP C 20 -6.80 -5.55 19.78
N LYS C 21 -8.03 -5.74 19.31
CA LYS C 21 -9.20 -5.46 20.13
C LYS C 21 -9.19 -6.26 21.44
N ASP C 22 -8.82 -7.53 21.41
CA ASP C 22 -8.82 -8.34 22.62
C ASP C 22 -7.50 -8.28 23.39
N GLY C 23 -6.53 -7.52 22.89
CA GLY C 23 -5.33 -7.23 23.65
C GLY C 23 -4.41 -8.40 23.92
N ASP C 24 -4.41 -9.41 23.06
CA ASP C 24 -3.51 -10.54 23.21
C ASP C 24 -2.18 -10.34 22.50
N GLY C 25 -1.94 -9.16 21.92
CA GLY C 25 -0.65 -8.84 21.33
C GLY C 25 -0.52 -9.06 19.84
N THR C 26 -1.57 -9.53 19.14
CA THR C 26 -1.50 -9.67 17.69
C THR C 26 -2.80 -9.17 17.07
N ILE C 27 -2.68 -8.61 15.86
CA ILE C 27 -3.84 -8.21 15.06
C ILE C 27 -4.15 -9.33 14.09
N THR C 28 -5.38 -9.84 14.14
CA THR C 28 -5.84 -10.86 13.19
C THR C 28 -6.59 -10.23 12.03
N THR C 29 -6.76 -11.02 10.97
CA THR C 29 -7.58 -10.54 9.86
C THR C 29 -8.99 -10.17 10.34
N LYS C 30 -9.53 -10.94 11.27
CA LYS C 30 -10.89 -10.68 11.74
C LYS C 30 -10.96 -9.35 12.50
N GLU C 31 -10.01 -9.12 13.43
CA GLU C 31 -9.98 -7.87 14.18
C GLU C 31 -9.81 -6.67 13.26
N LEU C 32 -8.93 -6.79 12.26
CA LEU C 32 -8.72 -5.71 11.31
C LEU C 32 -10.00 -5.38 10.55
N GLY C 33 -10.72 -6.39 10.09
CA GLY C 33 -11.98 -6.14 9.42
C GLY C 33 -12.98 -5.43 10.31
N THR C 34 -13.06 -5.86 11.58
CA THR C 34 -14.00 -5.22 12.52
C THR C 34 -13.66 -3.75 12.73
N VAL C 35 -12.39 -3.46 13.00
CA VAL C 35 -12.02 -2.09 13.28
C VAL C 35 -12.17 -1.23 12.03
N MET C 36 -11.80 -1.77 10.86
CA MET C 36 -11.97 -1.00 9.63
C MET C 36 -13.42 -0.66 9.40
N ARG C 37 -14.31 -1.64 9.59
CA ARG C 37 -15.74 -1.36 9.41
C ARG C 37 -16.25 -0.37 10.43
N SER C 38 -15.76 -0.45 11.67
CA SER C 38 -16.20 0.51 12.69
C SER C 38 -15.83 1.93 12.28
N LEU C 39 -14.73 2.09 11.56
CA LEU C 39 -14.25 3.39 11.08
C LEU C 39 -14.88 3.79 9.75
N GLY C 40 -15.91 3.09 9.29
CA GLY C 40 -16.60 3.44 8.08
C GLY C 40 -16.01 2.87 6.80
N GLN C 41 -14.90 2.15 6.88
CA GLN C 41 -14.33 1.48 5.72
C GLN C 41 -15.13 0.22 5.40
N ASN C 42 -15.06 -0.22 4.14
CA ASN C 42 -15.75 -1.44 3.72
C ASN C 42 -14.78 -2.32 2.93
N PRO C 43 -13.82 -2.95 3.59
CA PRO C 43 -12.81 -3.71 2.86
C PRO C 43 -13.33 -5.05 2.38
N THR C 44 -12.74 -5.51 1.28
CA THR C 44 -13.00 -6.84 0.78
C THR C 44 -12.11 -7.83 1.50
N GLU C 45 -12.46 -9.12 1.40
CA GLU C 45 -11.61 -10.15 1.96
C GLU C 45 -10.20 -10.06 1.38
N ALA C 46 -10.09 -9.81 0.07
CA ALA C 46 -8.78 -9.71 -0.56
C ALA C 46 -7.99 -8.54 0.02
N GLU C 47 -8.64 -7.40 0.24
CA GLU C 47 -7.95 -6.22 0.76
C GLU C 47 -7.44 -6.46 2.18
N LEU C 48 -8.25 -7.10 3.02
CA LEU C 48 -7.84 -7.41 4.38
C LEU C 48 -6.64 -8.36 4.41
N GLN C 49 -6.71 -9.44 3.62
CA GLN C 49 -5.59 -10.36 3.54
C GLN C 49 -4.32 -9.66 3.06
N ASP C 50 -4.43 -8.81 2.04
CA ASP C 50 -3.28 -8.06 1.55
C ASP C 50 -2.66 -7.24 2.68
N MET C 51 -3.49 -6.60 3.49
CA MET C 51 -2.95 -5.73 4.54
C MET C 51 -2.21 -6.54 5.60
N ILE C 52 -2.73 -7.70 5.98
CA ILE C 52 -2.04 -8.53 6.97
C ILE C 52 -0.71 -9.00 6.41
N ILE C 53 -0.73 -9.58 5.20
CA ILE C 53 0.48 -10.16 4.62
C ILE C 53 1.55 -9.09 4.38
N GLU C 54 1.12 -7.89 4.01
CA GLU C 54 2.07 -6.83 3.72
C GLU C 54 2.81 -6.35 4.95
N VAL C 55 2.24 -6.56 6.14
CA VAL C 55 2.89 -6.16 7.38
C VAL C 55 3.45 -7.34 8.17
N ASP C 56 2.96 -8.55 7.95
CA ASP C 56 3.35 -9.75 8.72
C ASP C 56 4.70 -10.28 8.23
N ALA C 57 5.78 -9.76 8.80
CA ALA C 57 7.11 -10.06 8.29
C ALA C 57 7.49 -11.53 8.47
N ASP C 58 7.08 -12.15 9.57
CA ASP C 58 7.54 -13.51 9.83
C ASP C 58 6.57 -14.56 9.32
N GLY C 59 5.46 -14.15 8.73
CA GLY C 59 4.59 -15.07 8.02
C GLY C 59 3.70 -15.95 8.88
N ASN C 60 3.51 -15.64 10.15
CA ASN C 60 2.68 -16.51 10.98
C ASN C 60 1.20 -16.21 10.87
N GLY C 61 0.81 -15.21 10.08
CA GLY C 61 -0.58 -14.93 9.82
C GLY C 61 -1.21 -13.79 10.61
N THR C 62 -0.51 -13.25 11.61
CA THR C 62 -1.01 -12.13 12.39
C THR C 62 0.09 -11.08 12.49
N ILE C 63 -0.28 -9.86 12.88
CA ILE C 63 0.68 -8.76 13.02
C ILE C 63 0.98 -8.56 14.50
N ASP C 64 2.26 -8.62 14.87
CA ASP C 64 2.68 -8.30 16.23
C ASP C 64 3.23 -6.88 16.27
N PHE C 65 3.51 -6.39 17.47
CA PHE C 65 3.86 -4.98 17.53
C PHE C 65 5.21 -4.68 16.85
N PRO C 66 6.24 -5.53 16.95
CA PRO C 66 7.45 -5.23 16.18
C PRO C 66 7.20 -5.12 14.68
N GLU C 67 6.33 -5.97 14.12
CA GLU C 67 5.97 -5.83 12.70
C GLU C 67 5.25 -4.52 12.45
N PHE C 68 4.30 -4.18 13.30
CA PHE C 68 3.56 -2.93 13.19
C PHE C 68 4.49 -1.73 13.26
N LEU C 69 5.45 -1.75 14.20
CA LEU C 69 6.37 -0.63 14.35
C LEU C 69 7.26 -0.46 13.13
N THR C 70 7.72 -1.56 12.56
CA THR C 70 8.56 -1.47 11.37
C THR C 70 7.82 -0.71 10.27
N MET C 71 6.54 -1.04 10.07
CA MET C 71 5.75 -0.39 9.03
C MET C 71 5.48 1.07 9.36
N MET C 72 5.16 1.37 10.63
CA MET C 72 4.84 2.74 11.02
C MET C 72 6.07 3.64 10.98
N ALA C 73 7.22 3.12 11.39
CA ALA C 73 8.44 3.93 11.38
C ALA C 73 8.83 4.29 9.95
N ARG C 74 8.64 3.37 9.01
N ARG C 74 8.62 3.38 9.00
CA ARG C 74 8.92 3.66 7.60
CA ARG C 74 8.94 3.69 7.61
C ARG C 74 8.04 4.79 7.10
C ARG C 74 8.03 4.78 7.06
N LYS C 75 6.74 4.74 7.39
CA LYS C 75 5.83 5.79 6.94
C LYS C 75 6.23 7.15 7.51
N MET C 76 6.73 7.17 8.75
CA MET C 76 7.08 8.44 9.38
C MET C 76 8.28 9.09 8.70
N LYS C 77 9.14 8.31 8.04
CA LYS C 77 10.31 8.87 7.39
C LYS C 77 10.03 9.34 5.96
N ASP C 78 8.90 8.98 5.38
CA ASP C 78 8.54 9.42 4.03
C ASP C 78 8.59 10.94 3.92
N THR C 79 9.31 11.44 2.92
CA THR C 79 9.42 12.89 2.75
C THR C 79 8.12 13.47 2.21
N ASP C 80 7.36 12.67 1.48
CA ASP C 80 6.03 13.06 1.01
C ASP C 80 5.04 12.66 2.10
N SER C 81 4.65 13.63 2.94
CA SER C 81 3.66 13.36 3.96
C SER C 81 2.23 13.67 3.48
N GLU C 82 2.08 14.23 2.28
CA GLU C 82 0.76 14.50 1.74
C GLU C 82 -0.02 13.23 1.49
N GLU C 83 0.64 12.14 1.12
CA GLU C 83 -0.07 10.90 0.82
C GLU C 83 -0.87 10.43 2.03
N GLU C 84 -0.25 10.36 3.21
CA GLU C 84 -0.96 9.84 4.36
C GLU C 84 -1.99 10.82 4.90
N ILE C 85 -1.78 12.13 4.72
CA ILE C 85 -2.80 13.09 5.12
C ILE C 85 -4.03 12.96 4.24
N ARG C 86 -3.83 12.72 2.94
CA ARG C 86 -4.96 12.45 2.06
C ARG C 86 -5.68 11.17 2.47
N GLU C 87 -4.94 10.13 2.87
CA GLU C 87 -5.56 8.92 3.39
C GLU C 87 -6.37 9.20 4.65
N ALA C 88 -5.81 9.99 5.57
CA ALA C 88 -6.58 10.37 6.76
C ALA C 88 -7.84 11.15 6.40
N PHE C 89 -7.76 12.06 5.42
CA PHE C 89 -8.94 12.78 4.99
C PHE C 89 -10.05 11.83 4.54
N ARG C 90 -9.68 10.80 3.78
CA ARG C 90 -10.68 9.88 3.24
C ARG C 90 -11.28 8.98 4.32
N VAL C 91 -10.56 8.76 5.43
CA VAL C 91 -11.13 8.04 6.56
C VAL C 91 -12.32 8.83 7.11
N PHE C 92 -12.13 10.13 7.31
CA PHE C 92 -13.20 11.00 7.78
C PHE C 92 -14.30 11.12 6.74
N ASP C 93 -13.93 11.36 5.49
CA ASP C 93 -14.89 11.69 4.44
C ASP C 93 -15.51 10.42 3.88
N LYS C 94 -16.36 9.81 4.72
CA LYS C 94 -16.90 8.47 4.43
C LYS C 94 -17.68 8.45 3.12
N ASP C 95 -18.46 9.49 2.83
CA ASP C 95 -19.24 9.47 1.59
C ASP C 95 -18.45 9.98 0.39
N GLY C 96 -17.21 10.43 0.58
CA GLY C 96 -16.34 10.79 -0.51
C GLY C 96 -16.72 12.06 -1.25
N ASN C 97 -17.46 12.97 -0.63
CA ASN C 97 -17.94 14.16 -1.32
C ASN C 97 -17.01 15.35 -1.15
N GLY C 98 -15.83 15.16 -0.53
CA GLY C 98 -14.83 16.20 -0.40
C GLY C 98 -14.98 17.10 0.80
N TYR C 99 -15.96 16.85 1.66
CA TYR C 99 -16.19 17.66 2.85
C TYR C 99 -16.35 16.73 4.04
N ILE C 100 -15.77 17.12 5.16
CA ILE C 100 -15.98 16.41 6.43
C ILE C 100 -17.04 17.17 7.20
N SER C 101 -18.18 16.50 7.45
CA SER C 101 -19.28 17.03 8.24
C SER C 101 -19.03 16.76 9.73
N ALA C 102 -19.77 17.49 10.58
CA ALA C 102 -19.66 17.23 12.02
C ALA C 102 -20.03 15.78 12.33
N ALA C 103 -20.98 15.21 11.60
CA ALA C 103 -21.36 13.83 11.83
C ALA C 103 -20.23 12.88 11.47
N GLU C 104 -19.54 13.14 10.37
CA GLU C 104 -18.43 12.27 9.98
C GLU C 104 -17.29 12.37 10.99
N LEU C 105 -17.01 13.58 11.47
N LEU C 105 -17.04 13.58 11.50
CA LEU C 105 -15.97 13.73 12.49
CA LEU C 105 -16.00 13.79 12.48
C LEU C 105 -16.31 12.93 13.74
C LEU C 105 -16.29 13.02 13.76
N ARG C 106 -17.53 13.11 14.25
CA ARG C 106 -17.89 12.45 15.50
C ARG C 106 -17.82 10.94 15.37
N HIS C 107 -18.26 10.39 14.24
CA HIS C 107 -18.26 8.95 14.06
C HIS C 107 -16.84 8.38 14.14
N VAL C 108 -15.89 9.02 13.45
CA VAL C 108 -14.51 8.56 13.53
C VAL C 108 -13.98 8.71 14.95
N MET C 109 -14.19 9.89 15.55
CA MET C 109 -13.75 10.15 16.92
C MET C 109 -14.27 9.09 17.89
N THR C 110 -15.57 8.82 17.84
CA THR C 110 -16.16 7.84 18.75
C THR C 110 -15.51 6.47 18.57
N ASN C 111 -15.27 6.06 17.33
CA ASN C 111 -14.76 4.71 17.10
C ASN C 111 -13.25 4.60 17.30
N LEU C 112 -12.58 5.70 17.57
CA LEU C 112 -11.27 5.66 18.20
C LEU C 112 -11.37 5.80 19.72
N GLY C 113 -12.59 5.83 20.26
CA GLY C 113 -12.78 5.93 21.69
C GLY C 113 -12.30 7.23 22.28
N GLU C 114 -12.36 8.33 21.52
CA GLU C 114 -11.76 9.57 21.97
C GLU C 114 -12.59 10.26 23.05
N LYS C 115 -13.90 10.01 23.08
CA LYS C 115 -14.79 10.55 24.11
C LYS C 115 -14.78 12.08 24.11
N LEU C 116 -15.20 12.64 22.98
CA LEU C 116 -15.37 14.08 22.85
C LEU C 116 -16.83 14.45 23.00
N THR C 117 -17.09 15.53 23.72
CA THR C 117 -18.44 16.05 23.88
C THR C 117 -18.93 16.68 22.57
N ASP C 118 -20.25 16.89 22.49
CA ASP C 118 -20.79 17.63 21.37
C ASP C 118 -20.16 19.01 21.25
N GLU C 119 -19.84 19.63 22.39
CA GLU C 119 -19.17 20.92 22.39
C GLU C 119 -17.81 20.84 21.70
N GLU C 120 -17.03 19.80 22.02
CA GLU C 120 -15.69 19.71 21.47
C GLU C 120 -15.72 19.40 19.99
N VAL C 121 -16.69 18.61 19.53
CA VAL C 121 -16.91 18.43 18.09
C VAL C 121 -17.11 19.78 17.41
N ASP C 122 -17.99 20.62 17.98
CA ASP C 122 -18.24 21.95 17.41
C ASP C 122 -16.99 22.82 17.42
N GLU C 123 -16.20 22.72 18.48
CA GLU C 123 -15.00 23.54 18.57
C GLU C 123 -13.96 23.07 17.56
N MET C 124 -13.86 21.75 17.34
CA MET C 124 -12.91 21.23 16.37
C MET C 124 -13.26 21.66 14.96
N ILE C 125 -14.54 21.57 14.60
CA ILE C 125 -14.94 21.97 13.25
C ILE C 125 -14.70 23.45 13.05
N ARG C 126 -15.09 24.28 14.02
CA ARG C 126 -14.94 25.71 13.88
C ARG C 126 -13.47 26.11 13.76
N GLU C 127 -12.58 25.47 14.52
CA GLU C 127 -11.16 25.82 14.46
C GLU C 127 -10.59 25.54 13.08
N ALA C 128 -11.00 24.44 12.45
CA ALA C 128 -10.48 24.06 11.15
C ALA C 128 -11.22 24.70 9.98
N ASP C 129 -12.46 25.15 10.17
CA ASP C 129 -13.30 25.63 9.08
C ASP C 129 -12.92 27.07 8.72
N ILE C 130 -11.86 27.20 7.94
CA ILE C 130 -11.30 28.52 7.61
C ILE C 130 -12.30 29.33 6.79
N ASP C 131 -12.91 28.71 5.78
CA ASP C 131 -13.77 29.49 4.88
C ASP C 131 -15.15 29.72 5.47
N GLY C 132 -15.47 29.11 6.60
CA GLY C 132 -16.71 29.38 7.31
C GLY C 132 -17.95 28.68 6.79
N ASP C 133 -17.81 27.67 5.93
CA ASP C 133 -19.00 26.99 5.40
C ASP C 133 -19.52 25.89 6.32
N GLY C 134 -18.93 25.74 7.51
CA GLY C 134 -19.40 24.77 8.48
C GLY C 134 -18.85 23.36 8.33
N GLN C 135 -18.06 23.08 7.30
CA GLN C 135 -17.43 21.78 7.15
C GLN C 135 -15.97 21.97 6.78
N VAL C 136 -15.23 20.87 6.72
CA VAL C 136 -13.79 20.89 6.51
C VAL C 136 -13.49 20.27 5.14
N ASN C 137 -12.93 21.05 4.23
CA ASN C 137 -12.52 20.46 2.96
C ASN C 137 -11.04 20.07 3.03
N TYR C 138 -10.49 19.57 1.92
CA TYR C 138 -9.13 19.03 1.97
C TYR C 138 -8.10 20.13 2.23
N GLU C 139 -8.23 21.28 1.55
CA GLU C 139 -7.28 22.37 1.78
C GLU C 139 -7.28 22.79 3.23
N GLU C 140 -8.46 22.85 3.86
CA GLU C 140 -8.53 23.20 5.28
C GLU C 140 -7.93 22.10 6.15
N PHE C 141 -8.17 20.84 5.77
CA PHE C 141 -7.68 19.70 6.54
C PHE C 141 -6.15 19.65 6.54
N VAL C 142 -5.53 19.91 5.39
CA VAL C 142 -4.08 19.93 5.33
C VAL C 142 -3.52 20.95 6.32
N GLN C 143 -4.11 22.14 6.35
CA GLN C 143 -3.67 23.17 7.28
C GLN C 143 -3.80 22.67 8.72
N MET C 144 -4.95 22.08 9.07
CA MET C 144 -5.17 21.62 10.42
C MET C 144 -4.20 20.51 10.81
N MET C 145 -3.83 19.64 9.85
CA MET C 145 -2.99 18.48 10.14
C MET C 145 -1.51 18.80 10.14
N THR C 146 -1.10 19.93 9.56
CA THR C 146 0.31 20.28 9.51
C THR C 146 0.68 21.45 10.42
N ALA C 147 -0.29 22.12 11.02
CA ALA C 147 -0.01 23.22 11.92
C ALA C 147 0.71 22.75 13.17
N GLU D 5 -10.49 2.75 -1.82
CA GLU D 5 -9.65 1.58 -1.63
C GLU D 5 -9.06 1.52 -0.22
N VAL D 6 -8.83 0.32 0.28
CA VAL D 6 -8.39 0.09 1.65
C VAL D 6 -7.03 -0.59 1.57
N THR D 7 -5.98 0.10 2.01
CA THR D 7 -4.62 -0.42 1.90
C THR D 7 -3.87 -0.23 3.22
N VAL D 8 -2.62 -0.71 3.26
N VAL D 8 -2.62 -0.70 3.25
CA VAL D 8 -1.80 -0.60 4.47
CA VAL D 8 -1.80 -0.59 4.44
C VAL D 8 -1.63 0.84 4.92
C VAL D 8 -1.70 0.84 4.93
N GLY D 9 -1.78 1.80 4.00
CA GLY D 9 -1.68 3.21 4.37
C GLY D 9 -2.69 3.65 5.42
N LYS D 10 -3.76 2.89 5.60
CA LYS D 10 -4.78 3.27 6.57
C LYS D 10 -4.29 3.12 8.01
N PHE D 11 -3.33 2.22 8.27
CA PHE D 11 -2.79 2.11 9.62
C PHE D 11 -2.18 3.44 10.08
N TYR D 12 -1.26 3.99 9.29
CA TYR D 12 -0.64 5.25 9.65
C TYR D 12 -1.66 6.38 9.67
N ALA D 13 -2.68 6.32 8.80
CA ALA D 13 -3.72 7.36 8.81
C ALA D 13 -4.46 7.39 10.14
N THR D 14 -4.70 6.21 10.73
N THR D 14 -4.69 6.23 10.75
CA THR D 14 -5.33 6.14 12.05
CA THR D 14 -5.36 6.22 12.05
C THR D 14 -4.47 6.86 13.09
C THR D 14 -4.47 6.81 13.14
N PHE D 15 -3.16 6.62 13.05
CA PHE D 15 -2.26 7.30 13.98
C PHE D 15 -2.31 8.82 13.79
N LEU D 16 -2.34 9.29 12.54
CA LEU D 16 -2.35 10.74 12.32
C LEU D 16 -3.61 11.36 12.87
N ILE D 17 -4.74 10.64 12.80
CA ILE D 17 -5.98 11.16 13.34
C ILE D 17 -5.93 11.16 14.87
N GLN D 18 -5.40 10.10 15.48
CA GLN D 18 -5.23 10.10 16.94
C GLN D 18 -4.34 11.26 17.38
N GLU D 19 -3.25 11.51 16.64
CA GLU D 19 -2.35 12.60 16.99
C GLU D 19 -3.06 13.94 16.87
N TYR D 20 -3.89 14.09 15.84
CA TYR D 20 -4.65 15.32 15.68
C TYR D 20 -5.57 15.58 16.87
N PHE D 21 -6.29 14.54 17.30
CA PHE D 21 -7.14 14.68 18.49
C PHE D 21 -6.30 15.04 19.71
N ARG D 22 -5.12 14.43 19.87
CA ARG D 22 -4.29 14.76 21.03
C ARG D 22 -3.83 16.21 20.99
N LYS D 23 -3.40 16.71 19.82
CA LYS D 23 -2.98 18.10 19.72
C LYS D 23 -4.12 19.05 20.04
N PHE D 24 -5.33 18.75 19.54
CA PHE D 24 -6.48 19.60 19.83
C PHE D 24 -6.77 19.64 21.32
N LYS D 25 -6.78 18.48 21.99
CA LYS D 25 -7.06 18.47 23.42
C LYS D 25 -6.04 19.31 24.17
N LYS D 26 -4.79 19.30 23.74
CA LYS D 26 -3.77 20.10 24.42
C LYS D 26 -4.00 21.59 24.19
N ARG D 27 -4.40 22.00 22.98
CA ARG D 27 -4.70 23.41 22.75
C ARG D 27 -5.90 23.85 23.57
N LYS D 28 -6.92 22.99 23.67
CA LYS D 28 -8.09 23.34 24.47
C LYS D 28 -7.72 23.50 25.93
N GLU D 29 -6.92 22.57 26.46
CA GLU D 29 -6.48 22.62 27.85
C GLU D 29 -5.78 23.92 28.19
N GLN D 30 -5.03 24.49 27.24
CA GLN D 30 -4.29 25.72 27.48
C GLN D 30 -5.07 26.97 27.13
N GLY D 31 -6.31 26.85 26.66
CA GLY D 31 -7.06 28.01 26.24
C GLY D 31 -6.51 28.68 25.01
N LEU D 32 -5.89 27.91 24.11
CA LEU D 32 -5.22 28.45 22.94
C LEU D 32 -5.76 27.80 21.66
N VAL D 33 -7.06 27.56 21.63
CA VAL D 33 -7.71 27.09 20.41
C VAL D 33 -7.89 28.25 19.45
CA CA E . 9.04 7.94 -20.33
CA CA F . 15.28 11.59 -11.21
CA CA G . -8.96 -13.92 -10.16
CA CA H . -5.83 -24.90 -7.96
CA CA I . -5.74 -9.67 18.98
CA CA J . 3.53 -12.01 12.55
CA CA K . -18.31 13.88 3.50
CA CA L . -14.89 24.86 5.28
#